data_6ACS
#
_entry.id   6ACS
#
_cell.length_a   93.222
_cell.length_b   121.501
_cell.length_c   45.602
_cell.angle_alpha   90.00
_cell.angle_beta   90.00
_cell.angle_gamma   90.00
#
_symmetry.space_group_name_H-M   'P 21 21 2'
#
loop_
_entity.id
_entity.type
_entity.pdbx_description
1 polymer 'Ditrans,polycis-undecaprenyl-diphosphate synthase ((2E,6E)-farnesyl-diphosphate specific)'
2 non-polymer 'CITRIC ACID'
3 non-polymer 'ISOPROPYL ALCOHOL'
4 non-polymer GLYCEROL
5 water water
#
_entity_poly.entity_id   1
_entity_poly.type   'polypeptide(L)'
_entity_poly.pdbx_seq_one_letter_code
;MTDSEEYHLPQHVAIIMDGNNRFAKKNQMQKGDGHREGKNVLDPIVEHCVKTGVRALTVFAFSSENWNRPQYEVDLLMKL
LEETIHEQIPRMKKFNIALRFIGDRSRLPSHLVALMEDAEQQTAHHEAMTLTIAVSYGGMWDIANAAKQVAQAVSRGEID
ADQINVDLFAKYVSLNDLPAVDLLIRTGGDFRISNFLLWQAAYAELYFTDTLWPEFTVEEFDHALNVFSGRERRFGKTSE
QIQQEKIEKLLEHHHHHH
;
_entity_poly.pdbx_strand_id   A,B
#
loop_
_chem_comp.id
_chem_comp.type
_chem_comp.name
_chem_comp.formula
CIT non-polymer 'CITRIC ACID' 'C6 H8 O7'
GOL non-polymer GLYCEROL 'C3 H8 O3'
IPA non-polymer 'ISOPROPYL ALCOHOL' 'C3 H8 O'
#
# COMPACT_ATOMS: atom_id res chain seq x y z
N ASP A 3 13.07 -14.52 20.11
CA ASP A 3 11.67 -14.75 20.50
C ASP A 3 11.45 -14.49 21.99
N SER A 4 10.19 -14.24 22.35
CA SER A 4 9.83 -13.90 23.73
C SER A 4 8.33 -14.07 23.90
N GLU A 5 7.92 -14.71 24.99
CA GLU A 5 6.50 -14.85 25.27
C GLU A 5 5.88 -13.51 25.68
N GLU A 6 6.67 -12.61 26.26
CA GLU A 6 6.08 -11.42 26.89
C GLU A 6 6.19 -10.17 26.02
N TYR A 7 7.21 -10.10 25.18
CA TYR A 7 7.57 -8.86 24.50
C TYR A 7 6.97 -8.83 23.11
N HIS A 8 6.12 -7.83 22.87
CA HIS A 8 5.49 -7.64 21.56
C HIS A 8 5.46 -6.16 21.20
N LEU A 9 6.54 -5.46 21.43
CA LEU A 9 6.49 -4.04 21.09
C LEU A 9 6.84 -3.86 19.63
N PRO A 10 6.12 -3.02 18.88
CA PRO A 10 6.52 -2.80 17.48
C PRO A 10 7.82 -2.04 17.42
N GLN A 11 8.69 -2.45 16.50
CA GLN A 11 9.96 -1.76 16.38
C GLN A 11 9.85 -0.50 15.52
N HIS A 12 8.88 -0.45 14.61
CA HIS A 12 8.71 0.69 13.72
C HIS A 12 7.22 0.98 13.59
N VAL A 13 6.83 2.15 14.10
CA VAL A 13 5.45 2.64 14.07
C VAL A 13 5.39 3.78 13.06
N ALA A 14 4.34 3.79 12.24
CA ALA A 14 4.09 4.89 11.32
C ALA A 14 2.73 5.49 11.67
N ILE A 15 2.58 6.81 11.50
CA ILE A 15 1.30 7.47 11.80
C ILE A 15 0.92 8.39 10.65
N ILE A 16 -0.31 8.23 10.16
CA ILE A 16 -0.94 9.20 9.29
C ILE A 16 -1.79 10.09 10.19
N MET A 17 -1.34 11.33 10.36
CA MET A 17 -2.00 12.30 11.25
C MET A 17 -3.08 13.01 10.45
N ASP A 18 -4.35 12.70 10.74
CA ASP A 18 -5.45 13.29 9.97
C ASP A 18 -6.62 13.61 10.90
N GLY A 19 -7.43 14.56 10.48
CA GLY A 19 -8.68 14.89 11.18
C GLY A 19 -8.75 16.30 11.69
N ASN A 20 -7.67 17.07 11.61
CA ASN A 20 -7.78 18.46 12.03
C ASN A 20 -8.78 19.22 11.16
N ASN A 21 -8.95 18.81 9.90
CA ASN A 21 -9.91 19.45 9.01
C ASN A 21 -11.34 19.34 9.54
N ARG A 22 -11.63 18.33 10.36
CA ARG A 22 -12.95 18.16 10.95
C ARG A 22 -13.02 18.64 12.39
N PHE A 23 -11.94 19.19 12.94
CA PHE A 23 -11.92 19.54 14.36
C PHE A 23 -12.57 20.90 14.57
N ALA A 24 -13.67 20.93 15.35
CA ALA A 24 -14.45 22.15 15.50
C ALA A 24 -13.77 23.16 16.42
N LYS A 25 -13.49 22.75 17.65
CA LYS A 25 -12.91 23.68 18.62
C LYS A 25 -11.38 23.64 18.56
N LYS A 39 -2.37 22.64 22.82
CA LYS A 39 -1.07 22.05 23.15
C LYS A 39 -0.74 20.95 22.13
N ASN A 40 0.55 20.69 21.96
CA ASN A 40 1.05 19.83 20.90
C ASN A 40 0.65 18.36 21.14
N VAL A 41 0.14 17.73 20.08
CA VAL A 41 -0.25 16.32 20.11
C VAL A 41 0.94 15.41 19.81
N LEU A 42 1.78 15.79 18.84
CA LEU A 42 2.81 14.85 18.40
C LEU A 42 3.92 14.72 19.44
N ASP A 43 4.23 15.81 20.14
CA ASP A 43 5.37 15.77 21.06
C ASP A 43 5.22 14.70 22.15
N PRO A 44 4.09 14.61 22.86
CA PRO A 44 3.97 13.54 23.86
C PRO A 44 4.01 12.17 23.27
N ILE A 45 3.51 11.99 22.03
CA ILE A 45 3.61 10.69 21.37
C ILE A 45 5.07 10.33 21.10
N VAL A 46 5.83 11.29 20.55
CA VAL A 46 7.24 11.05 20.23
C VAL A 46 8.01 10.70 21.48
N GLU A 47 7.80 11.49 22.54
CA GLU A 47 8.49 11.25 23.79
C GLU A 47 8.11 9.89 24.38
N HIS A 48 6.82 9.54 24.30
CA HIS A 48 6.38 8.25 24.80
C HIS A 48 7.03 7.11 24.04
N CYS A 49 7.14 7.26 22.71
CA CYS A 49 7.78 6.21 21.91
C CYS A 49 9.23 6.00 22.30
N VAL A 50 10.01 7.07 22.38
CA VAL A 50 11.43 6.85 22.69
C VAL A 50 11.57 6.32 24.11
N LYS A 51 10.74 6.79 25.05
CA LYS A 51 10.86 6.29 26.41
C LYS A 51 10.51 4.82 26.51
N THR A 52 9.62 4.33 25.64
CA THR A 52 9.17 2.94 25.69
C THR A 52 10.09 2.01 24.89
N GLY A 53 11.00 2.55 24.09
CA GLY A 53 11.90 1.72 23.31
C GLY A 53 11.50 1.46 21.87
N VAL A 54 10.53 2.19 21.34
CA VAL A 54 10.24 2.10 19.91
C VAL A 54 11.45 2.60 19.13
N ARG A 55 11.91 1.81 18.15
CA ARG A 55 13.16 2.17 17.46
C ARG A 55 12.97 3.21 16.39
N ALA A 56 11.79 3.28 15.76
CA ALA A 56 11.56 4.19 14.65
C ALA A 56 10.10 4.62 14.67
N LEU A 57 9.88 5.92 14.45
CA LEU A 57 8.54 6.48 14.31
C LEU A 57 8.53 7.34 13.06
N THR A 58 7.60 7.07 12.13
CA THR A 58 7.59 7.74 10.85
C THR A 58 6.20 8.35 10.67
N VAL A 59 6.13 9.66 10.42
CA VAL A 59 4.84 10.35 10.48
C VAL A 59 4.57 11.14 9.19
N PHE A 60 3.28 11.30 8.89
CA PHE A 60 2.77 11.94 7.68
C PHE A 60 1.68 12.90 8.13
N ALA A 61 1.94 14.21 7.96
CA ALA A 61 0.96 15.25 8.27
C ALA A 61 0.03 15.35 7.05
N PHE A 62 -1.14 14.72 7.16
CA PHE A 62 -1.95 14.46 5.97
C PHE A 62 -2.42 15.76 5.33
N SER A 63 -2.71 16.77 6.14
CA SER A 63 -3.13 18.07 5.61
C SER A 63 -1.93 18.97 5.29
N SER A 64 -1.01 19.15 6.24
CA SER A 64 0.02 20.16 6.06
C SER A 64 1.15 19.75 5.12
N GLU A 65 1.26 18.47 4.76
CA GLU A 65 2.20 18.05 3.73
C GLU A 65 1.52 17.80 2.40
N ASN A 66 0.23 18.10 2.31
CA ASN A 66 -0.44 18.17 1.01
C ASN A 66 -0.11 19.53 0.41
N TRP A 67 0.85 19.56 -0.52
CA TRP A 67 1.28 20.81 -1.11
C TRP A 67 0.68 21.04 -2.49
N ASN A 68 -0.42 20.36 -2.80
CA ASN A 68 -1.20 20.64 -4.00
C ASN A 68 -2.28 21.66 -3.66
N ARG A 69 -1.80 22.91 -3.44
CA ARG A 69 -2.61 24.04 -3.01
C ARG A 69 -2.14 25.30 -3.74
N PRO A 70 -2.83 26.44 -3.62
CA PRO A 70 -2.26 27.70 -4.11
C PRO A 70 -0.85 27.93 -3.58
N GLN A 71 -0.01 28.55 -4.41
CA GLN A 71 1.39 28.73 -4.05
C GLN A 71 1.55 29.53 -2.76
N TYR A 72 0.66 30.48 -2.50
CA TYR A 72 0.70 31.24 -1.25
C TYR A 72 0.56 30.33 -0.04
N GLU A 73 -0.36 29.37 -0.12
CA GLU A 73 -0.54 28.42 0.98
C GLU A 73 0.67 27.50 1.11
N VAL A 74 1.24 27.06 0.00
CA VAL A 74 2.41 26.22 0.07
C VAL A 74 3.56 26.97 0.74
N ASP A 75 3.69 28.25 0.43
CA ASP A 75 4.74 29.06 1.06
C ASP A 75 4.54 29.13 2.56
N LEU A 76 3.30 29.38 2.98
CA LEU A 76 3.01 29.40 4.43
C LEU A 76 3.32 28.06 5.07
N LEU A 77 2.92 26.96 4.42
CA LEU A 77 3.15 25.63 4.98
C LEU A 77 4.64 25.33 5.09
N MET A 78 5.43 25.74 4.10
CA MET A 78 6.87 25.53 4.20
C MET A 78 7.48 26.35 5.33
N LYS A 79 7.03 27.60 5.49
CA LYS A 79 7.54 28.41 6.60
C LYS A 79 7.19 27.79 7.95
N LEU A 80 5.97 27.28 8.08
CA LEU A 80 5.56 26.59 9.30
C LEU A 80 6.40 25.34 9.55
N LEU A 81 6.68 24.57 8.49
CA LEU A 81 7.53 23.41 8.65
C LEU A 81 8.92 23.82 9.12
N GLU A 82 9.47 24.88 8.55
CA GLU A 82 10.80 25.33 8.94
C GLU A 82 10.83 25.75 10.40
N GLU A 83 9.85 26.54 10.83
CA GLU A 83 9.81 26.96 12.22
C GLU A 83 9.63 25.78 13.16
N THR A 84 8.84 24.79 12.77
CA THR A 84 8.62 23.61 13.61
C THR A 84 9.89 22.75 13.72
N ILE A 85 10.61 22.57 12.61
CA ILE A 85 11.87 21.84 12.68
C ILE A 85 12.84 22.54 13.63
N HIS A 86 12.98 23.86 13.46
CA HIS A 86 13.88 24.63 14.32
C HIS A 86 13.50 24.46 15.79
N GLU A 87 12.21 24.53 16.09
CA GLU A 87 11.78 24.39 17.48
C GLU A 87 11.98 22.97 18.00
N GLN A 88 11.96 21.96 17.12
CA GLN A 88 12.05 20.59 17.59
C GLN A 88 13.49 20.13 17.84
N ILE A 89 14.47 20.72 17.13
CA ILE A 89 15.86 20.24 17.27
C ILE A 89 16.33 20.08 18.72
N PRO A 90 16.22 21.09 19.59
CA PRO A 90 16.72 20.90 20.96
C PRO A 90 15.94 19.84 21.73
N ARG A 91 14.64 19.72 21.46
CA ARG A 91 13.84 18.67 22.08
C ARG A 91 14.30 17.29 21.63
N MET A 92 14.60 17.13 20.33
CA MET A 92 15.08 15.85 19.86
C MET A 92 16.43 15.51 20.49
N LYS A 93 17.32 16.51 20.62
CA LYS A 93 18.59 16.27 21.30
C LYS A 93 18.36 15.82 22.74
N LYS A 94 17.46 16.50 23.45
CA LYS A 94 17.20 16.17 24.85
C LYS A 94 16.78 14.72 25.02
N PHE A 95 15.95 14.20 24.10
CA PHE A 95 15.40 12.85 24.21
C PHE A 95 16.14 11.81 23.38
N ASN A 96 17.30 12.17 22.81
CA ASN A 96 18.13 11.24 22.04
C ASN A 96 17.36 10.68 20.85
N ILE A 97 16.69 11.56 20.12
CA ILE A 97 15.95 11.21 18.92
C ILE A 97 16.70 11.79 17.72
N ALA A 98 16.91 10.95 16.69
CA ALA A 98 17.49 11.43 15.43
C ALA A 98 16.36 11.86 14.52
N LEU A 99 16.45 13.08 14.00
CA LEU A 99 15.46 13.55 13.04
C LEU A 99 15.88 13.19 11.63
N ARG A 100 14.92 12.73 10.84
CA ARG A 100 15.21 12.29 9.48
C ARG A 100 14.04 12.72 8.60
N PHE A 101 14.30 12.95 7.32
CA PHE A 101 13.23 13.35 6.40
C PHE A 101 13.22 12.43 5.21
N ILE A 102 12.03 12.07 4.75
CA ILE A 102 11.94 11.30 3.50
C ILE A 102 11.05 12.07 2.53
N GLY A 103 11.29 11.84 1.25
CA GLY A 103 10.56 12.51 0.20
C GLY A 103 11.50 13.15 -0.80
N ASP A 104 10.87 13.74 -1.83
CA ASP A 104 11.57 14.39 -2.92
C ASP A 104 12.13 15.72 -2.43
N ARG A 105 13.43 15.93 -2.60
CA ARG A 105 14.04 17.21 -2.23
C ARG A 105 14.35 18.06 -3.45
N SER A 106 14.15 17.53 -4.66
CA SER A 106 14.67 18.19 -5.86
C SER A 106 13.96 19.50 -6.17
N ARG A 107 12.74 19.69 -5.70
CA ARG A 107 11.98 20.90 -5.99
C ARG A 107 11.78 21.79 -4.77
N LEU A 108 12.45 21.50 -3.68
CA LEU A 108 12.28 22.27 -2.46
C LEU A 108 13.19 23.50 -2.46
N PRO A 109 12.78 24.55 -1.75
CA PRO A 109 13.67 25.72 -1.62
C PRO A 109 14.96 25.33 -0.95
N SER A 110 16.05 25.98 -1.37
CA SER A 110 17.36 25.64 -0.85
C SER A 110 17.44 25.78 0.67
N HIS A 111 16.77 26.77 1.23
CA HIS A 111 16.81 26.96 2.68
C HIS A 111 16.16 25.80 3.42
N LEU A 112 15.07 25.28 2.88
CA LEU A 112 14.41 24.13 3.51
C LEU A 112 15.29 22.89 3.43
N VAL A 113 15.94 22.66 2.29
CA VAL A 113 16.84 21.51 2.19
C VAL A 113 17.97 21.64 3.21
N ALA A 114 18.57 22.83 3.29
CA ALA A 114 19.65 23.04 4.25
C ALA A 114 19.18 22.84 5.67
N LEU A 115 17.97 23.29 5.99
CA LEU A 115 17.45 23.12 7.34
C LEU A 115 17.21 21.64 7.66
N MET A 116 16.71 20.87 6.70
CA MET A 116 16.58 19.43 6.90
C MET A 116 17.94 18.79 7.16
N GLU A 117 18.93 19.12 6.32
CA GLU A 117 20.26 18.56 6.52
C GLU A 117 20.81 18.95 7.88
N ASP A 118 20.67 20.23 8.23
CA ASP A 118 21.12 20.74 9.52
C ASP A 118 20.47 19.97 10.67
N ALA A 119 19.15 19.77 10.61
CA ALA A 119 18.47 19.05 11.68
C ALA A 119 18.95 17.61 11.77
N GLU A 120 19.15 16.94 10.62
CA GLU A 120 19.66 15.57 10.64
C GLU A 120 21.05 15.53 11.26
N GLN A 121 21.90 16.50 10.91
CA GLN A 121 23.27 16.54 11.41
C GLN A 121 23.32 16.87 12.92
N GLN A 122 22.44 17.75 13.38
CA GLN A 122 22.47 18.09 14.80
C GLN A 122 21.93 16.98 15.67
N THR A 123 21.06 16.11 15.14
CA THR A 123 20.45 15.10 16.00
C THR A 123 20.98 13.69 15.80
N ALA A 124 21.96 13.49 14.93
CA ALA A 124 22.41 12.13 14.62
C ALA A 124 23.11 11.48 15.80
N HIS A 125 23.91 12.23 16.54
CA HIS A 125 24.70 11.64 17.61
C HIS A 125 23.82 11.22 18.77
N HIS A 126 24.09 10.03 19.30
CA HIS A 126 23.44 9.50 20.49
C HIS A 126 21.93 9.41 20.31
N GLU A 127 21.51 8.48 19.46
CA GLU A 127 20.10 8.39 19.07
C GLU A 127 19.55 7.02 19.44
N ALA A 128 18.52 7.03 20.27
CA ALA A 128 17.77 5.86 20.69
C ALA A 128 16.61 5.57 19.77
N MET A 129 16.16 6.57 19.02
CA MET A 129 15.02 6.39 18.13
C MET A 129 15.18 7.34 16.97
N THR A 130 14.69 6.94 15.79
CA THR A 130 14.67 7.80 14.63
C THR A 130 13.23 8.27 14.42
N LEU A 131 13.04 9.58 14.39
CA LEU A 131 11.76 10.18 14.01
C LEU A 131 11.90 10.67 12.58
N THR A 132 11.12 10.09 11.67
CA THR A 132 11.17 10.46 10.26
C THR A 132 9.91 11.23 9.90
N ILE A 133 10.11 12.39 9.29
CA ILE A 133 9.03 13.26 8.81
C ILE A 133 8.94 13.13 7.29
N ALA A 134 7.75 12.81 6.78
CA ALA A 134 7.54 12.68 5.34
C ALA A 134 7.26 14.07 4.77
N VAL A 135 8.12 14.53 3.87
CA VAL A 135 8.01 15.86 3.29
C VAL A 135 8.06 15.71 1.78
N SER A 136 7.01 16.18 1.09
CA SER A 136 6.93 15.99 -0.36
C SER A 136 7.17 14.53 -0.72
N TYR A 137 6.56 13.64 0.08
CA TYR A 137 6.77 12.21 -0.01
C TYR A 137 5.52 11.55 -0.60
N GLY A 138 5.73 10.50 -1.36
CA GLY A 138 4.67 9.55 -1.69
C GLY A 138 5.25 8.17 -1.86
N GLY A 139 4.44 7.15 -1.57
CA GLY A 139 4.92 5.78 -1.67
C GLY A 139 5.28 5.38 -3.09
N MET A 140 4.45 5.82 -4.06
CA MET A 140 4.77 5.57 -5.46
C MET A 140 6.04 6.31 -5.89
N TRP A 141 6.19 7.58 -5.50
CA TRP A 141 7.44 8.31 -5.76
C TRP A 141 8.65 7.55 -5.24
N ASP A 142 8.53 7.04 -4.00
CA ASP A 142 9.60 6.31 -3.33
C ASP A 142 10.00 5.09 -4.13
N ILE A 143 8.99 4.30 -4.55
CA ILE A 143 9.24 3.10 -5.32
C ILE A 143 9.86 3.43 -6.67
N ALA A 144 9.35 4.44 -7.37
CA ALA A 144 9.94 4.78 -8.66
C ALA A 144 11.34 5.35 -8.51
N ASN A 145 11.61 6.05 -7.41
CA ASN A 145 12.95 6.56 -7.13
C ASN A 145 13.92 5.41 -6.91
N ALA A 146 13.48 4.40 -6.17
CA ALA A 146 14.29 3.19 -6.00
C ALA A 146 14.57 2.54 -7.35
N ALA A 147 13.55 2.42 -8.21
CA ALA A 147 13.76 1.84 -9.52
C ALA A 147 14.75 2.65 -10.34
N LYS A 148 14.68 3.98 -10.23
CA LYS A 148 15.64 4.83 -10.94
C LYS A 148 17.06 4.57 -10.46
N GLN A 149 17.25 4.49 -9.14
CA GLN A 149 18.60 4.21 -8.60
C GLN A 149 19.12 2.83 -9.03
N VAL A 150 18.23 1.83 -9.03
CA VAL A 150 18.63 0.51 -9.50
C VAL A 150 19.08 0.58 -10.95
N ALA A 151 18.30 1.29 -11.78
CA ALA A 151 18.67 1.37 -13.19
C ALA A 151 19.96 2.15 -13.40
N GLN A 152 20.19 3.19 -12.59
CA GLN A 152 21.45 3.92 -12.68
C GLN A 152 22.64 3.02 -12.35
N ALA A 153 22.48 2.17 -11.34
CA ALA A 153 23.53 1.18 -11.05
C ALA A 153 23.73 0.22 -12.22
N VAL A 154 22.63 -0.24 -12.85
CA VAL A 154 22.75 -1.09 -14.03
C VAL A 154 23.54 -0.38 -15.13
N SER A 155 23.28 0.91 -15.32
CA SER A 155 23.98 1.67 -16.35
C SER A 155 25.48 1.74 -16.08
N ARG A 156 25.86 1.79 -14.82
CA ARG A 156 27.27 1.80 -14.44
C ARG A 156 27.92 0.43 -14.41
N GLY A 157 27.18 -0.64 -14.70
CA GLY A 157 27.69 -2.00 -14.61
C GLY A 157 27.78 -2.55 -13.19
N GLU A 158 27.17 -1.89 -12.21
CA GLU A 158 27.21 -2.34 -10.82
C GLU A 158 26.14 -3.40 -10.54
N ILE A 159 25.09 -3.45 -11.35
CA ILE A 159 24.01 -4.42 -11.19
C ILE A 159 23.75 -5.06 -12.55
N ASP A 160 23.57 -6.38 -12.55
CA ASP A 160 23.06 -7.12 -13.70
C ASP A 160 21.54 -7.02 -13.67
N ALA A 161 20.95 -6.41 -14.70
CA ALA A 161 19.51 -6.17 -14.63
C ALA A 161 18.72 -7.48 -14.51
N ASP A 162 19.25 -8.57 -15.07
CA ASP A 162 18.54 -9.85 -14.99
C ASP A 162 18.44 -10.40 -13.59
N GLN A 163 19.30 -9.96 -12.66
CA GLN A 163 19.28 -10.42 -11.28
C GLN A 163 18.46 -9.53 -10.34
N ILE A 164 17.75 -8.53 -10.85
CA ILE A 164 16.96 -7.67 -9.98
C ILE A 164 15.80 -8.47 -9.42
N ASN A 165 15.67 -8.47 -8.10
CA ASN A 165 14.60 -9.19 -7.41
C ASN A 165 14.20 -8.39 -6.19
N VAL A 166 13.30 -8.95 -5.39
CA VAL A 166 12.77 -8.20 -4.25
C VAL A 166 13.89 -7.81 -3.31
N ASP A 167 14.78 -8.75 -2.98
CA ASP A 167 15.80 -8.48 -1.98
C ASP A 167 16.75 -7.37 -2.43
N LEU A 168 17.12 -7.36 -3.72
CA LEU A 168 17.95 -6.28 -4.25
C LEU A 168 17.20 -4.95 -4.24
N PHE A 169 15.96 -4.95 -4.72
CA PHE A 169 15.20 -3.70 -4.82
C PHE A 169 15.00 -3.08 -3.44
N ALA A 170 14.80 -3.90 -2.40
CA ALA A 170 14.54 -3.40 -1.06
C ALA A 170 15.65 -2.48 -0.57
N LYS A 171 16.86 -2.66 -1.07
CA LYS A 171 17.99 -1.86 -0.58
C LYS A 171 17.93 -0.42 -1.06
N TYR A 172 17.04 -0.09 -2.00
CA TYR A 172 16.96 1.25 -2.57
C TYR A 172 15.72 2.02 -2.16
N VAL A 173 14.80 1.41 -1.44
CA VAL A 173 13.61 2.11 -0.99
C VAL A 173 13.93 2.91 0.27
N SER A 174 13.17 4.00 0.51
CA SER A 174 13.39 4.83 1.70
C SER A 174 13.30 3.98 2.97
N LEU A 175 14.12 4.32 3.97
CA LEU A 175 14.09 3.69 5.31
C LEU A 175 14.53 2.24 5.28
N ASN A 176 15.33 1.86 4.27
CA ASN A 176 15.75 0.47 4.14
C ASN A 176 16.71 0.05 5.25
N ASP A 177 17.31 1.01 5.95
CA ASP A 177 18.20 0.73 7.06
C ASP A 177 17.47 0.63 8.40
N LEU A 178 16.16 0.83 8.42
CA LEU A 178 15.35 0.68 9.61
C LEU A 178 14.51 -0.59 9.48
N PRO A 179 13.98 -1.11 10.60
CA PRO A 179 13.08 -2.26 10.53
C PRO A 179 11.85 -1.95 9.68
N ALA A 180 11.25 -3.01 9.14
CA ALA A 180 9.99 -2.82 8.42
C ALA A 180 8.97 -2.23 9.37
N VAL A 181 8.02 -1.50 8.81
CA VAL A 181 6.94 -0.94 9.62
C VAL A 181 6.10 -2.08 10.18
N ASP A 182 5.98 -2.13 11.50
CA ASP A 182 5.20 -3.15 12.18
C ASP A 182 3.76 -2.71 12.36
N LEU A 183 3.58 -1.42 12.63
CA LEU A 183 2.25 -0.91 12.98
C LEU A 183 2.07 0.44 12.33
N LEU A 184 0.97 0.61 11.62
CA LEU A 184 0.62 1.89 11.02
C LEU A 184 -0.72 2.34 11.61
N ILE A 185 -0.74 3.53 12.17
CA ILE A 185 -1.93 4.16 12.78
C ILE A 185 -2.42 5.24 11.85
N ARG A 186 -3.73 5.29 11.58
CA ARG A 186 -4.28 6.45 10.88
C ARG A 186 -5.43 7.01 11.69
N THR A 187 -5.34 8.28 12.06
CA THR A 187 -6.42 8.93 12.79
C THR A 187 -7.34 9.64 11.80
N GLY A 188 -8.49 10.10 12.30
CA GLY A 188 -9.37 10.93 11.50
C GLY A 188 -10.55 10.21 10.86
N GLY A 189 -10.54 8.87 10.84
CA GLY A 189 -11.68 8.10 10.40
C GLY A 189 -11.55 7.41 9.04
N ASP A 190 -10.68 7.88 8.15
CA ASP A 190 -10.65 7.24 6.84
C ASP A 190 -9.81 5.97 6.90
N PHE A 191 -10.16 5.00 6.05
CA PHE A 191 -9.50 3.70 6.05
C PHE A 191 -8.63 3.55 4.80
N ARG A 192 -7.70 4.49 4.56
CA ARG A 192 -6.81 4.42 3.41
C ARG A 192 -5.40 4.63 3.91
N ILE A 193 -4.43 4.00 3.25
CA ILE A 193 -3.08 4.39 3.61
C ILE A 193 -2.57 5.53 2.73
N SER A 194 -3.33 5.93 1.71
CA SER A 194 -3.13 7.18 0.98
C SER A 194 -1.68 7.37 0.52
N ASN A 195 -1.16 6.37 -0.17
CA ASN A 195 0.14 6.52 -0.86
C ASN A 195 1.25 6.86 0.14
N PHE A 196 1.21 6.22 1.33
CA PHE A 196 2.22 6.36 2.39
C PHE A 196 2.86 5.01 2.75
N LEU A 197 4.17 4.90 2.62
CA LEU A 197 4.96 3.70 2.93
C LEU A 197 4.37 2.40 2.37
N LEU A 198 4.14 2.37 1.07
CA LEU A 198 3.49 1.22 0.45
C LEU A 198 4.38 -0.02 0.55
N TRP A 199 5.66 0.11 0.16
CA TRP A 199 6.58 -1.01 0.29
C TRP A 199 6.82 -1.35 1.77
N GLN A 200 7.08 -0.34 2.58
CA GLN A 200 7.57 -0.61 3.93
C GLN A 200 6.47 -1.11 4.86
N ALA A 201 5.21 -0.89 4.51
CA ALA A 201 4.12 -1.33 5.36
C ALA A 201 3.38 -2.52 4.76
N ALA A 202 4.05 -3.26 3.86
CA ALA A 202 3.41 -4.37 3.17
C ALA A 202 2.88 -5.42 4.15
N TYR A 203 3.52 -5.57 5.31
CA TYR A 203 3.05 -6.50 6.34
C TYR A 203 2.69 -5.82 7.65
N ALA A 204 2.55 -4.49 7.66
CA ALA A 204 2.18 -3.79 8.89
C ALA A 204 0.75 -4.11 9.32
N GLU A 205 0.58 -4.27 10.63
CA GLU A 205 -0.76 -4.19 11.21
C GLU A 205 -1.29 -2.77 11.09
N LEU A 206 -2.56 -2.63 10.71
CA LEU A 206 -3.16 -1.34 10.43
C LEU A 206 -4.19 -1.03 11.51
N TYR A 207 -4.02 0.11 12.18
CA TYR A 207 -4.91 0.54 13.25
C TYR A 207 -5.58 1.83 12.79
N PHE A 208 -6.88 1.76 12.53
CA PHE A 208 -7.64 2.92 12.09
C PHE A 208 -8.53 3.38 13.25
N THR A 209 -8.57 4.68 13.49
CA THR A 209 -9.41 5.21 14.55
C THR A 209 -10.13 6.45 14.05
N ASP A 210 -11.37 6.63 14.48
CA ASP A 210 -12.04 7.88 14.13
C ASP A 210 -11.63 9.04 15.00
N THR A 211 -10.79 8.83 16.01
CA THR A 211 -10.29 9.95 16.81
C THR A 211 -9.61 10.96 15.89
N LEU A 212 -9.97 12.24 16.03
CA LEU A 212 -9.32 13.27 15.23
C LEU A 212 -7.91 13.55 15.78
N TRP A 213 -6.96 13.84 14.89
CA TRP A 213 -5.58 14.02 15.35
C TRP A 213 -5.45 14.99 16.53
N PRO A 214 -6.07 16.17 16.53
CA PRO A 214 -5.94 17.07 17.69
C PRO A 214 -6.39 16.46 19.00
N GLU A 215 -7.25 15.44 18.96
CA GLU A 215 -7.76 14.81 20.16
C GLU A 215 -7.08 13.48 20.47
N PHE A 216 -6.05 13.13 19.71
CA PHE A 216 -5.36 11.86 19.91
C PHE A 216 -4.47 11.90 21.15
N THR A 217 -4.53 10.85 21.95
CA THR A 217 -3.88 10.81 23.25
C THR A 217 -2.83 9.71 23.31
N VAL A 218 -1.91 9.87 24.25
CA VAL A 218 -0.96 8.81 24.53
C VAL A 218 -1.70 7.56 25.00
N GLU A 219 -2.83 7.72 25.70
CA GLU A 219 -3.58 6.56 26.14
C GLU A 219 -4.11 5.74 24.96
N GLU A 220 -4.63 6.41 23.94
CA GLU A 220 -5.09 5.65 22.78
C GLU A 220 -3.90 5.06 22.01
N PHE A 221 -2.77 5.77 21.99
CA PHE A 221 -1.58 5.18 21.37
C PHE A 221 -1.19 3.87 22.07
N ASP A 222 -1.20 3.89 23.42
CA ASP A 222 -0.92 2.65 24.17
C ASP A 222 -1.94 1.57 23.86
N HIS A 223 -3.20 1.97 23.71
CA HIS A 223 -4.22 1.00 23.31
C HIS A 223 -3.85 0.36 21.97
N ALA A 224 -3.41 1.18 21.01
CA ALA A 224 -3.04 0.64 19.72
C ALA A 224 -1.88 -0.34 19.87
N LEU A 225 -0.92 -0.03 20.75
CA LEU A 225 0.16 -0.99 20.97
C LEU A 225 -0.37 -2.30 21.53
N ASN A 226 -1.35 -2.23 22.44
CA ASN A 226 -1.90 -3.46 23.01
C ASN A 226 -2.66 -4.25 21.95
N VAL A 227 -3.38 -3.54 21.09
CA VAL A 227 -4.07 -4.17 19.96
C VAL A 227 -3.06 -4.87 19.07
N PHE A 228 -1.95 -4.20 18.76
CA PHE A 228 -0.88 -4.84 17.98
C PHE A 228 -0.37 -6.10 18.67
N SER A 229 -0.15 -6.04 19.98
CA SER A 229 0.32 -7.22 20.70
C SER A 229 -0.69 -8.37 20.57
N GLY A 230 -1.98 -8.07 20.74
CA GLY A 230 -3.00 -9.10 20.63
C GLY A 230 -3.07 -9.69 19.23
N ARG A 231 -2.93 -8.84 18.21
CA ARG A 231 -2.94 -9.34 16.85
C ARG A 231 -1.70 -10.18 16.55
N GLU A 232 -0.54 -9.83 17.13
CA GLU A 232 0.63 -10.69 17.00
C GLU A 232 0.41 -12.05 17.66
N ARG A 233 -0.25 -12.06 18.82
CA ARG A 233 -0.57 -13.34 19.47
C ARG A 233 -1.54 -14.15 18.61
N ARG A 234 -2.50 -13.49 17.98
CA ARG A 234 -3.57 -14.16 17.26
C ARG A 234 -3.13 -14.63 15.87
N PHE A 235 -2.39 -13.80 15.15
CA PHE A 235 -2.04 -14.07 13.76
C PHE A 235 -0.55 -14.24 13.53
N GLY A 236 0.29 -14.17 14.58
CA GLY A 236 1.70 -14.43 14.43
C GLY A 236 2.45 -13.27 13.83
N LYS A 237 3.77 -13.39 13.82
CA LYS A 237 4.54 -12.46 13.01
C LYS A 237 4.57 -12.98 11.57
N THR A 238 4.65 -12.04 10.63
CA THR A 238 4.65 -12.31 9.21
C THR A 238 6.00 -12.81 8.71
N SER A 239 6.08 -13.01 7.39
CA SER A 239 7.31 -13.43 6.75
C SER A 239 8.40 -12.38 6.90
N GLU A 240 8.04 -11.11 6.79
CA GLU A 240 8.99 -10.01 6.86
C GLU A 240 9.66 -9.93 8.23
N GLU B 6 -25.02 11.00 -2.94
CA GLU B 6 -25.50 9.90 -3.77
C GLU B 6 -24.70 8.62 -3.52
N TYR B 7 -24.88 7.61 -4.38
CA TYR B 7 -24.36 6.28 -4.12
C TYR B 7 -23.09 6.06 -4.92
N HIS B 8 -22.03 5.62 -4.26
CA HIS B 8 -20.72 5.49 -4.89
C HIS B 8 -20.34 4.04 -4.96
N LEU B 9 -20.19 3.52 -6.17
CA LEU B 9 -19.77 2.16 -6.44
C LEU B 9 -18.29 2.13 -6.76
N PRO B 10 -17.54 1.13 -6.29
CA PRO B 10 -16.12 1.04 -6.67
C PRO B 10 -15.97 0.62 -8.12
N GLN B 11 -14.90 1.12 -8.76
CA GLN B 11 -14.56 0.67 -10.10
C GLN B 11 -13.78 -0.63 -10.07
N HIS B 12 -13.01 -0.84 -9.02
CA HIS B 12 -12.11 -1.99 -8.93
C HIS B 12 -12.10 -2.45 -7.47
N VAL B 13 -12.56 -3.67 -7.25
CA VAL B 13 -12.58 -4.32 -5.96
C VAL B 13 -11.51 -5.38 -5.93
N ALA B 14 -10.76 -5.44 -4.83
CA ALA B 14 -9.77 -6.48 -4.62
C ALA B 14 -10.14 -7.23 -3.34
N ILE B 15 -9.88 -8.54 -3.31
CA ILE B 15 -10.23 -9.36 -2.15
C ILE B 15 -9.07 -10.26 -1.77
N ILE B 16 -8.67 -10.21 -0.50
CA ILE B 16 -7.77 -11.18 0.10
C ILE B 16 -8.67 -12.21 0.78
N MET B 17 -8.72 -13.40 0.18
CA MET B 17 -9.60 -14.49 0.62
C MET B 17 -8.82 -15.27 1.66
N ASP B 18 -9.16 -15.09 2.94
CA ASP B 18 -8.42 -15.71 4.03
C ASP B 18 -9.40 -16.36 4.99
N GLY B 19 -9.04 -17.57 5.43
CA GLY B 19 -9.91 -18.37 6.28
C GLY B 19 -9.23 -19.02 7.47
N ASN B 20 -7.94 -18.74 7.65
CA ASN B 20 -7.16 -19.20 8.80
C ASN B 20 -6.80 -20.68 8.66
N LYS B 39 -19.53 -25.47 -1.44
CA LYS B 39 -20.16 -24.45 -2.27
C LYS B 39 -19.17 -23.37 -2.70
N ASN B 40 -19.36 -22.82 -3.91
CA ASN B 40 -18.46 -21.81 -4.43
C ASN B 40 -18.79 -20.47 -3.77
N VAL B 41 -17.79 -19.84 -3.14
CA VAL B 41 -18.01 -18.56 -2.47
C VAL B 41 -17.88 -17.40 -3.44
N LEU B 42 -16.96 -17.51 -4.40
CA LEU B 42 -16.63 -16.38 -5.26
C LEU B 42 -17.72 -16.08 -6.30
N ASP B 43 -18.43 -17.10 -6.78
CA ASP B 43 -19.36 -16.90 -7.90
C ASP B 43 -20.44 -15.85 -7.63
N PRO B 44 -21.15 -15.86 -6.49
CA PRO B 44 -22.15 -14.80 -6.25
C PRO B 44 -21.53 -13.42 -6.18
N ILE B 45 -20.28 -13.33 -5.71
CA ILE B 45 -19.57 -12.06 -5.63
C ILE B 45 -19.28 -11.53 -7.03
N VAL B 46 -18.75 -12.40 -7.89
CA VAL B 46 -18.50 -12.04 -9.27
C VAL B 46 -19.78 -11.55 -9.94
N GLU B 47 -20.87 -12.29 -9.74
CA GLU B 47 -22.14 -11.90 -10.36
C GLU B 47 -22.65 -10.57 -9.83
N HIS B 48 -22.45 -10.29 -8.53
CA HIS B 48 -22.87 -9.00 -8.02
C HIS B 48 -22.03 -7.87 -8.63
N CYS B 49 -20.73 -8.11 -8.79
CA CYS B 49 -19.89 -7.09 -9.42
C CYS B 49 -20.38 -6.78 -10.83
N VAL B 50 -20.69 -7.82 -11.61
CA VAL B 50 -21.16 -7.60 -12.97
C VAL B 50 -22.48 -6.85 -12.97
N LYS B 51 -23.40 -7.21 -12.05
CA LYS B 51 -24.71 -6.57 -12.02
C LYS B 51 -24.65 -5.11 -11.56
N THR B 52 -23.64 -4.75 -10.77
CA THR B 52 -23.52 -3.38 -10.28
C THR B 52 -22.59 -2.50 -11.12
N GLY B 53 -21.93 -3.06 -12.12
CA GLY B 53 -21.12 -2.24 -12.97
C GLY B 53 -19.69 -2.09 -12.53
N VAL B 54 -19.23 -2.89 -11.57
CA VAL B 54 -17.82 -2.90 -11.20
C VAL B 54 -17.00 -3.29 -12.42
N ARG B 55 -15.92 -2.54 -12.70
CA ARG B 55 -15.15 -2.82 -13.90
C ARG B 55 -14.09 -3.90 -13.71
N ALA B 56 -13.61 -4.11 -12.48
CA ALA B 56 -12.55 -5.06 -12.24
C ALA B 56 -12.68 -5.65 -10.84
N LEU B 57 -12.46 -6.94 -10.75
CA LEU B 57 -12.41 -7.67 -9.48
C LEU B 57 -11.14 -8.51 -9.48
N THR B 58 -10.30 -8.32 -8.48
CA THR B 58 -9.00 -9.00 -8.39
C THR B 58 -8.91 -9.74 -7.06
N VAL B 59 -8.60 -11.04 -7.11
CA VAL B 59 -8.68 -11.86 -5.90
C VAL B 59 -7.36 -12.61 -5.66
N PHE B 60 -7.10 -12.85 -4.37
CA PHE B 60 -5.84 -13.38 -3.86
C PHE B 60 -6.16 -14.44 -2.82
N ALA B 61 -5.82 -15.69 -3.06
CA ALA B 61 -6.05 -16.73 -2.06
C ALA B 61 -4.92 -16.72 -1.02
N PHE B 62 -5.15 -16.08 0.12
CA PHE B 62 -4.11 -15.95 1.13
C PHE B 62 -3.89 -17.28 1.85
N SER B 63 -2.69 -17.46 2.38
CA SER B 63 -2.39 -18.62 3.20
C SER B 63 -1.16 -18.38 4.07
N ASN B 68 5.17 -22.58 0.28
CA ASN B 68 6.04 -23.31 1.19
C ASN B 68 5.31 -24.45 1.89
N ARG B 69 5.03 -25.51 1.13
CA ARG B 69 4.34 -26.69 1.63
C ARG B 69 4.97 -27.94 1.02
N PRO B 70 4.63 -29.14 1.50
CA PRO B 70 5.07 -30.36 0.81
C PRO B 70 4.66 -30.32 -0.66
N GLN B 71 5.51 -30.90 -1.51
CA GLN B 71 5.27 -30.86 -2.94
C GLN B 71 3.92 -31.45 -3.31
N TYR B 72 3.49 -32.49 -2.58
CA TYR B 72 2.19 -33.11 -2.84
C TYR B 72 1.05 -32.11 -2.64
N GLU B 73 1.13 -31.28 -1.60
CA GLU B 73 0.10 -30.28 -1.38
C GLU B 73 0.12 -29.21 -2.46
N VAL B 74 1.31 -28.80 -2.89
CA VAL B 74 1.42 -27.82 -3.96
C VAL B 74 0.80 -28.37 -5.24
N ASP B 75 1.05 -29.65 -5.53
CA ASP B 75 0.45 -30.28 -6.71
C ASP B 75 -1.07 -30.29 -6.60
N LEU B 76 -1.61 -30.66 -5.43
CA LEU B 76 -3.06 -30.64 -5.27
C LEU B 76 -3.62 -29.25 -5.51
N LEU B 77 -2.96 -28.22 -4.96
CA LEU B 77 -3.46 -26.86 -5.14
C LEU B 77 -3.42 -26.45 -6.61
N MET B 78 -2.36 -26.82 -7.31
CA MET B 78 -2.25 -26.51 -8.73
C MET B 78 -3.34 -27.21 -9.53
N LYS B 79 -3.59 -28.48 -9.24
CA LYS B 79 -4.65 -29.19 -9.93
C LYS B 79 -6.01 -28.57 -9.64
N LEU B 80 -6.23 -28.14 -8.40
CA LEU B 80 -7.49 -27.51 -8.06
C LEU B 80 -7.66 -26.21 -8.84
N LEU B 81 -6.59 -25.42 -8.93
CA LEU B 81 -6.64 -24.20 -9.72
C LEU B 81 -6.95 -24.48 -11.17
N GLU B 82 -6.30 -25.49 -11.76
CA GLU B 82 -6.56 -25.84 -13.15
C GLU B 82 -8.01 -26.23 -13.37
N GLU B 83 -8.54 -27.10 -12.49
CA GLU B 83 -9.92 -27.53 -12.62
C GLU B 83 -10.88 -26.36 -12.46
N THR B 84 -10.55 -25.42 -11.56
CA THR B 84 -11.40 -24.27 -11.33
C THR B 84 -11.41 -23.33 -12.54
N ILE B 85 -10.24 -23.12 -13.16
CA ILE B 85 -10.20 -22.32 -14.39
C ILE B 85 -11.09 -22.96 -15.45
N HIS B 86 -10.96 -24.29 -15.61
CA HIS B 86 -11.80 -25.01 -16.57
C HIS B 86 -13.27 -24.78 -16.28
N GLU B 87 -13.66 -24.89 -15.01
CA GLU B 87 -15.06 -24.75 -14.61
C GLU B 87 -15.57 -23.33 -14.82
N GLN B 88 -14.69 -22.33 -14.71
CA GLN B 88 -15.12 -20.95 -14.79
C GLN B 88 -15.22 -20.40 -16.21
N ILE B 89 -14.45 -20.93 -17.17
CA ILE B 89 -14.48 -20.38 -18.53
C ILE B 89 -15.91 -20.20 -19.07
N PRO B 90 -16.81 -21.20 -19.00
CA PRO B 90 -18.17 -20.98 -19.53
C PRO B 90 -18.95 -19.91 -18.80
N ARG B 91 -18.75 -19.78 -17.47
CA ARG B 91 -19.41 -18.70 -16.74
C ARG B 91 -18.89 -17.34 -17.20
N MET B 92 -17.58 -17.25 -17.47
CA MET B 92 -17.01 -16.01 -17.97
C MET B 92 -17.64 -15.63 -19.29
N LYS B 93 -17.85 -16.62 -20.17
CA LYS B 93 -18.55 -16.34 -21.42
C LYS B 93 -19.98 -15.87 -21.15
N LYS B 94 -20.68 -16.54 -20.23
CA LYS B 94 -22.07 -16.18 -19.95
C LYS B 94 -22.21 -14.74 -19.47
N PHE B 95 -21.29 -14.28 -18.62
CA PHE B 95 -21.43 -12.94 -18.05
C PHE B 95 -20.56 -11.89 -18.73
N ASN B 96 -19.91 -12.23 -19.84
CA ASN B 96 -19.08 -11.30 -20.61
C ASN B 96 -17.95 -10.74 -19.74
N ILE B 97 -17.27 -11.65 -19.03
CA ILE B 97 -16.15 -11.34 -18.14
C ILE B 97 -14.87 -11.82 -18.78
N ALA B 98 -13.84 -10.97 -18.76
CA ALA B 98 -12.51 -11.34 -19.22
C ALA B 98 -11.70 -11.86 -18.06
N LEU B 99 -11.04 -13.00 -18.24
CA LEU B 99 -10.19 -13.58 -17.21
C LEU B 99 -8.74 -13.16 -17.41
N ARG B 100 -8.07 -12.82 -16.30
CA ARG B 100 -6.68 -12.42 -16.33
C ARG B 100 -5.97 -13.06 -15.14
N PHE B 101 -4.66 -13.27 -15.27
CA PHE B 101 -3.86 -13.80 -14.18
C PHE B 101 -2.67 -12.89 -13.95
N ILE B 102 -2.35 -12.63 -12.69
CA ILE B 102 -1.15 -11.88 -12.36
C ILE B 102 -0.29 -12.70 -11.43
N GLY B 103 1.02 -12.45 -11.47
CA GLY B 103 1.97 -13.17 -10.66
C GLY B 103 3.09 -13.75 -11.51
N ASP B 104 4.03 -14.38 -10.82
CA ASP B 104 5.19 -14.98 -11.43
C ASP B 104 4.79 -16.27 -12.12
N ARG B 105 5.05 -16.38 -13.41
CA ARG B 105 4.72 -17.60 -14.12
C ARG B 105 5.93 -18.48 -14.35
N SER B 106 7.12 -17.99 -14.01
CA SER B 106 8.35 -18.69 -14.41
C SER B 106 8.51 -20.03 -13.71
N ARG B 107 7.89 -20.24 -12.56
CA ARG B 107 8.02 -21.51 -11.85
C ARG B 107 6.72 -22.30 -11.80
N LEU B 108 5.72 -21.93 -12.61
CA LEU B 108 4.47 -22.69 -12.63
C LEU B 108 4.58 -23.88 -13.57
N PRO B 109 3.81 -24.94 -13.32
CA PRO B 109 3.79 -26.06 -14.28
C PRO B 109 3.37 -25.56 -15.65
N SER B 110 4.00 -26.11 -16.69
CA SER B 110 3.74 -25.65 -18.04
C SER B 110 2.28 -25.83 -18.43
N HIS B 111 1.62 -26.87 -17.94
CA HIS B 111 0.21 -27.10 -18.28
C HIS B 111 -0.67 -26.00 -17.68
N LEU B 112 -0.35 -25.55 -16.46
CA LEU B 112 -1.09 -24.44 -15.87
C LEU B 112 -0.85 -23.14 -16.63
N VAL B 113 0.39 -22.90 -17.05
CA VAL B 113 0.68 -21.70 -17.82
C VAL B 113 -0.10 -21.70 -19.12
N ALA B 114 -0.11 -22.84 -19.82
CA ALA B 114 -0.86 -22.95 -21.06
C ALA B 114 -2.36 -22.73 -20.82
N LEU B 115 -2.88 -23.27 -19.71
CA LEU B 115 -4.29 -23.09 -19.41
C LEU B 115 -4.60 -21.62 -19.11
N MET B 116 -3.71 -20.94 -18.39
CA MET B 116 -3.90 -19.50 -18.14
C MET B 116 -3.91 -18.71 -19.45
N GLU B 117 -2.96 -19.00 -20.34
CA GLU B 117 -2.92 -18.30 -21.62
C GLU B 117 -4.20 -18.56 -22.43
N ASP B 118 -4.66 -19.82 -22.43
CA ASP B 118 -5.87 -20.18 -23.15
C ASP B 118 -7.09 -19.47 -22.56
N ALA B 119 -7.19 -19.40 -21.23
CA ALA B 119 -8.32 -18.73 -20.61
C ALA B 119 -8.33 -17.24 -20.93
N GLU B 120 -7.16 -16.61 -20.88
CA GLU B 120 -7.10 -15.19 -21.20
C GLU B 120 -7.51 -14.94 -22.64
N GLN B 121 -7.01 -15.75 -23.58
CA GLN B 121 -7.36 -15.54 -24.98
C GLN B 121 -8.82 -15.86 -25.26
N GLN B 122 -9.37 -16.88 -24.61
CA GLN B 122 -10.75 -17.26 -24.85
C GLN B 122 -11.71 -16.21 -24.32
N THR B 123 -11.31 -15.46 -23.28
CA THR B 123 -12.21 -14.47 -22.69
C THR B 123 -11.83 -13.02 -23.02
N ALA B 124 -10.82 -12.79 -23.85
CA ALA B 124 -10.31 -11.44 -24.05
C ALA B 124 -11.35 -10.52 -24.66
N HIS B 125 -12.20 -11.04 -25.57
CA HIS B 125 -13.18 -10.19 -26.24
C HIS B 125 -14.31 -9.77 -25.30
N HIS B 126 -14.46 -10.44 -24.15
CA HIS B 126 -15.44 -10.02 -23.15
C HIS B 126 -15.03 -8.68 -22.55
N GLU B 127 -15.97 -7.74 -22.51
CA GLU B 127 -15.64 -6.36 -22.18
C GLU B 127 -16.46 -5.78 -21.03
N ALA B 128 -17.25 -6.57 -20.31
CA ALA B 128 -18.03 -5.95 -19.24
C ALA B 128 -17.28 -5.84 -17.93
N MET B 129 -16.39 -6.78 -17.63
CA MET B 129 -15.66 -6.76 -16.37
C MET B 129 -14.43 -7.63 -16.56
N THR B 130 -13.37 -7.32 -15.82
CA THR B 130 -12.18 -8.15 -15.78
C THR B 130 -12.08 -8.80 -14.40
N LEU B 131 -11.99 -10.12 -14.39
CA LEU B 131 -11.72 -10.89 -13.19
C LEU B 131 -10.26 -11.33 -13.23
N THR B 132 -9.46 -10.88 -12.28
CA THR B 132 -8.05 -11.22 -12.22
C THR B 132 -7.79 -12.14 -11.04
N ILE B 133 -7.13 -13.26 -11.30
CA ILE B 133 -6.72 -14.22 -10.27
C ILE B 133 -5.21 -14.08 -10.09
N ALA B 134 -4.82 -13.77 -8.86
CA ALA B 134 -3.41 -13.60 -8.52
C ALA B 134 -2.85 -14.96 -8.12
N VAL B 135 -1.87 -15.45 -8.88
CA VAL B 135 -1.28 -16.78 -8.67
C VAL B 135 0.22 -16.59 -8.55
N SER B 136 0.80 -17.13 -7.48
CA SER B 136 2.24 -16.92 -7.20
C SER B 136 2.58 -15.44 -7.29
N TYR B 137 1.71 -14.63 -6.69
CA TYR B 137 1.79 -13.18 -6.76
C TYR B 137 2.20 -12.59 -5.42
N GLY B 138 2.97 -11.52 -5.46
CA GLY B 138 3.15 -10.64 -4.30
C GLY B 138 3.34 -9.23 -4.78
N GLY B 139 2.91 -8.26 -3.97
CA GLY B 139 3.04 -6.86 -4.40
C GLY B 139 4.49 -6.42 -4.54
N MET B 140 5.33 -6.88 -3.64
CA MET B 140 6.76 -6.58 -3.76
C MET B 140 7.34 -7.23 -5.01
N TRP B 141 6.98 -8.50 -5.26
CA TRP B 141 7.45 -9.16 -6.49
C TRP B 141 7.04 -8.35 -7.71
N ASP B 142 5.79 -7.88 -7.73
CA ASP B 142 5.24 -7.12 -8.86
C ASP B 142 6.06 -5.86 -9.10
N ILE B 143 6.34 -5.13 -8.02
CA ILE B 143 7.11 -3.88 -8.11
C ILE B 143 8.54 -4.17 -8.56
N ALA B 144 9.19 -5.18 -7.98
CA ALA B 144 10.57 -5.47 -8.38
C ALA B 144 10.63 -6.00 -9.81
N ASN B 145 9.60 -6.72 -10.25
CA ASN B 145 9.52 -7.19 -11.62
C ASN B 145 9.40 -6.01 -12.59
N ALA B 146 8.58 -5.02 -12.24
CA ALA B 146 8.52 -3.78 -13.02
C ALA B 146 9.90 -3.11 -13.08
N ALA B 147 10.57 -3.03 -11.92
CA ALA B 147 11.90 -2.41 -11.89
C ALA B 147 12.89 -3.16 -12.76
N LYS B 148 12.80 -4.49 -12.77
CA LYS B 148 13.66 -5.31 -13.61
C LYS B 148 13.42 -5.02 -15.08
N GLN B 149 12.15 -4.95 -15.49
CA GLN B 149 11.86 -4.67 -16.89
C GLN B 149 12.38 -3.31 -17.32
N VAL B 150 12.18 -2.30 -16.47
CA VAL B 150 12.69 -0.96 -16.78
C VAL B 150 14.21 -0.97 -16.89
N ALA B 151 14.88 -1.63 -15.94
CA ALA B 151 16.34 -1.70 -15.97
C ALA B 151 16.84 -2.50 -17.17
N GLN B 152 16.13 -3.55 -17.56
CA GLN B 152 16.53 -4.27 -18.78
C GLN B 152 16.45 -3.36 -19.98
N ALA B 153 15.41 -2.52 -20.06
CA ALA B 153 15.36 -1.55 -21.15
C ALA B 153 16.53 -0.57 -21.08
N VAL B 154 16.87 -0.11 -19.88
CA VAL B 154 18.04 0.78 -19.73
C VAL B 154 19.32 0.07 -20.19
N SER B 155 19.45 -1.21 -19.84
CA SER B 155 20.64 -1.99 -20.21
C SER B 155 20.76 -2.11 -21.71
N ARG B 156 19.62 -2.17 -22.42
CA ARG B 156 19.63 -2.23 -23.87
C ARG B 156 19.83 -0.87 -24.52
N GLY B 157 19.96 0.20 -23.74
CA GLY B 157 20.06 1.54 -24.28
C GLY B 157 18.76 2.12 -24.79
N GLU B 158 17.61 1.54 -24.41
CA GLU B 158 16.34 2.03 -24.90
C GLU B 158 15.77 3.18 -24.05
N ILE B 159 16.21 3.28 -22.80
CA ILE B 159 15.73 4.27 -21.85
C ILE B 159 16.93 4.79 -21.09
N ASP B 160 16.94 6.11 -20.87
CA ASP B 160 17.91 6.73 -19.98
C ASP B 160 17.37 6.64 -18.55
N ALA B 161 18.18 6.10 -17.63
CA ALA B 161 17.73 5.89 -16.26
C ALA B 161 17.21 7.17 -15.64
N ASP B 162 17.71 8.33 -16.09
CA ASP B 162 17.25 9.60 -15.55
C ASP B 162 15.79 9.89 -15.87
N GLN B 163 15.20 9.22 -16.86
CA GLN B 163 13.80 9.42 -17.20
C GLN B 163 12.87 8.68 -16.26
N ILE B 164 13.38 7.81 -15.40
CA ILE B 164 12.49 6.95 -14.63
C ILE B 164 11.81 7.78 -13.54
N ASN B 165 10.49 7.77 -13.55
CA ASN B 165 9.66 8.49 -12.60
C ASN B 165 8.39 7.67 -12.39
N VAL B 166 7.42 8.22 -11.65
CA VAL B 166 6.20 7.45 -11.37
C VAL B 166 5.45 7.12 -12.65
N ASP B 167 5.29 8.09 -13.54
CA ASP B 167 4.45 7.87 -14.72
C ASP B 167 5.04 6.80 -15.63
N LEU B 168 6.35 6.83 -15.80
CA LEU B 168 7.01 5.82 -16.64
C LEU B 168 6.95 4.44 -15.98
N PHE B 169 7.27 4.39 -14.69
CA PHE B 169 7.32 3.13 -13.96
C PHE B 169 5.96 2.46 -13.92
N ALA B 170 4.90 3.24 -13.80
CA ALA B 170 3.57 2.68 -13.63
C ALA B 170 3.18 1.75 -14.79
N LYS B 171 3.72 1.98 -15.98
CA LYS B 171 3.34 1.18 -17.15
C LYS B 171 3.88 -0.23 -17.10
N TYR B 172 4.74 -0.55 -16.14
CA TYR B 172 5.32 -1.88 -16.02
C TYR B 172 4.75 -2.69 -14.85
N VAL B 173 3.89 -2.09 -14.06
CA VAL B 173 3.25 -2.72 -12.90
C VAL B 173 1.99 -3.43 -13.37
N SER B 174 1.66 -4.57 -12.75
CA SER B 174 0.50 -5.33 -13.20
C SER B 174 -0.79 -4.49 -13.10
N LEU B 175 -1.72 -4.76 -14.03
CA LEU B 175 -3.06 -4.16 -14.05
C LEU B 175 -3.06 -2.65 -14.31
N ASN B 176 -2.01 -2.13 -14.95
CA ASN B 176 -1.96 -0.69 -15.15
C ASN B 176 -2.99 -0.20 -16.17
N ASP B 177 -3.59 -1.08 -16.95
CA ASP B 177 -4.61 -0.64 -17.89
C ASP B 177 -6.01 -0.70 -17.29
N LEU B 178 -6.12 -1.09 -16.03
CA LEU B 178 -7.39 -1.11 -15.32
C LEU B 178 -7.43 0.03 -14.31
N PRO B 179 -8.61 0.43 -13.84
CA PRO B 179 -8.68 1.46 -12.80
C PRO B 179 -7.89 1.03 -11.56
N ALA B 180 -7.39 2.02 -10.81
CA ALA B 180 -6.73 1.71 -9.55
C ALA B 180 -7.75 1.08 -8.61
N VAL B 181 -7.27 0.26 -7.68
CA VAL B 181 -8.15 -0.42 -6.72
C VAL B 181 -8.79 0.63 -5.82
N ASP B 182 -10.13 0.62 -5.77
CA ASP B 182 -10.91 1.53 -4.95
C ASP B 182 -11.26 0.93 -3.60
N LEU B 183 -11.48 -0.38 -3.59
CA LEU B 183 -11.90 -1.05 -2.37
C LEU B 183 -11.14 -2.35 -2.25
N LEU B 184 -10.46 -2.57 -1.12
CA LEU B 184 -9.78 -3.84 -0.87
C LEU B 184 -10.40 -4.45 0.37
N ILE B 185 -10.91 -5.67 0.25
CA ILE B 185 -11.54 -6.41 1.34
C ILE B 185 -10.56 -7.48 1.80
N ARG B 186 -10.38 -7.58 3.12
CA ARG B 186 -9.64 -8.72 3.65
C ARG B 186 -10.49 -9.45 4.68
N THR B 187 -10.74 -10.73 4.44
CA THR B 187 -11.47 -11.57 5.37
C THR B 187 -10.49 -12.26 6.30
N GLY B 188 -11.02 -12.92 7.33
CA GLY B 188 -10.21 -13.76 8.19
C GLY B 188 -9.77 -13.14 9.50
N GLY B 189 -9.91 -11.83 9.68
CA GLY B 189 -9.67 -11.18 10.95
C GLY B 189 -8.41 -10.35 11.06
N ASP B 190 -7.39 -10.59 10.24
CA ASP B 190 -6.18 -9.81 10.41
C ASP B 190 -6.28 -8.46 9.70
N PHE B 191 -5.57 -7.48 10.24
CA PHE B 191 -5.63 -6.12 9.69
C PHE B 191 -4.35 -5.79 8.94
N ARG B 192 -4.04 -6.60 7.93
CA ARG B 192 -2.84 -6.39 7.12
C ARG B 192 -3.22 -6.50 5.65
N ILE B 193 -2.48 -5.79 4.79
CA ILE B 193 -2.55 -5.99 3.35
CA ILE B 193 -2.64 -6.07 3.37
C ILE B 193 -1.74 -7.20 2.91
N SER B 194 -0.78 -7.63 3.73
CA SER B 194 0.01 -8.85 3.53
C SER B 194 0.54 -8.96 2.10
N ASN B 195 1.17 -7.88 1.63
CA ASN B 195 1.94 -7.95 0.40
C ASN B 195 1.07 -8.33 -0.80
N PHE B 196 -0.14 -7.77 -0.84
CA PHE B 196 -0.96 -7.99 -2.02
C PHE B 196 -0.69 -6.79 -2.91
N LEU B 197 -1.71 -6.09 -3.40
CA LEU B 197 -1.61 -5.02 -4.41
C LEU B 197 -1.13 -3.66 -3.88
N LEU B 198 0.16 -3.59 -3.52
CA LEU B 198 0.68 -2.40 -2.83
C LEU B 198 0.61 -1.16 -3.70
N TRP B 199 1.14 -1.24 -4.92
CA TRP B 199 1.09 -0.08 -5.82
C TRP B 199 -0.36 0.27 -6.18
N GLN B 200 -1.15 -0.75 -6.54
CA GLN B 200 -2.46 -0.54 -7.12
C GLN B 200 -3.50 -0.12 -6.09
N ALA B 201 -3.24 -0.39 -4.82
CA ALA B 201 -4.19 -0.06 -3.76
C ALA B 201 -3.74 1.12 -2.93
N ALA B 202 -2.87 1.98 -3.50
CA ALA B 202 -2.31 3.08 -2.74
C ALA B 202 -3.37 3.98 -2.15
N TYR B 203 -4.51 4.12 -2.82
CA TYR B 203 -5.61 4.95 -2.31
C TYR B 203 -6.88 4.16 -2.04
N ALA B 204 -6.80 2.82 -1.98
CA ALA B 204 -7.99 2.00 -1.76
C ALA B 204 -8.54 2.19 -0.34
N GLU B 205 -9.86 2.23 -0.24
CA GLU B 205 -10.49 2.01 1.06
C GLU B 205 -10.25 0.56 1.47
N LEU B 206 -9.92 0.35 2.73
CA LEU B 206 -9.57 -0.97 3.23
C LEU B 206 -10.70 -1.44 4.15
N TYR B 207 -11.26 -2.61 3.86
CA TYR B 207 -12.39 -3.15 4.59
C TYR B 207 -11.97 -4.48 5.20
N PHE B 208 -11.96 -4.55 6.53
CA PHE B 208 -11.55 -5.75 7.24
C PHE B 208 -12.75 -6.41 7.90
N THR B 209 -12.83 -7.74 7.81
CA THR B 209 -13.90 -8.47 8.48
C THR B 209 -13.33 -9.72 9.15
N ASP B 210 -13.89 -10.04 10.33
CA ASP B 210 -13.55 -11.28 11.02
C ASP B 210 -14.12 -12.52 10.31
N THR B 211 -15.09 -12.34 9.42
CA THR B 211 -15.68 -13.47 8.72
C THR B 211 -14.60 -14.26 7.99
N LEU B 212 -14.58 -15.57 8.18
CA LEU B 212 -13.67 -16.41 7.41
C LEU B 212 -14.19 -16.55 5.99
N TRP B 213 -13.26 -16.63 5.02
CA TRP B 213 -13.65 -16.65 3.60
C TRP B 213 -14.71 -17.70 3.26
N PRO B 214 -14.62 -18.96 3.71
CA PRO B 214 -15.66 -19.94 3.32
C PRO B 214 -17.06 -19.53 3.76
N GLU B 215 -17.17 -18.66 4.76
CA GLU B 215 -18.46 -18.19 5.24
C GLU B 215 -18.80 -16.80 4.72
N PHE B 216 -17.98 -16.25 3.82
CA PHE B 216 -18.27 -14.91 3.29
C PHE B 216 -19.44 -15.00 2.33
N THR B 217 -20.42 -14.12 2.50
CA THR B 217 -21.66 -14.19 1.73
C THR B 217 -21.80 -12.96 0.86
N VAL B 218 -22.64 -13.08 -0.17
CA VAL B 218 -22.94 -11.91 -0.99
C VAL B 218 -23.65 -10.84 -0.16
N GLU B 219 -24.40 -11.25 0.88
CA GLU B 219 -24.99 -10.26 1.78
C GLU B 219 -23.90 -9.44 2.47
N GLU B 220 -22.83 -10.10 2.94
CA GLU B 220 -21.76 -9.32 3.56
C GLU B 220 -21.01 -8.50 2.54
N PHE B 221 -20.86 -9.02 1.32
CA PHE B 221 -20.27 -8.21 0.24
C PHE B 221 -21.11 -6.96 -0.01
N ASP B 222 -22.44 -7.10 -0.05
CA ASP B 222 -23.31 -5.93 -0.21
C ASP B 222 -23.09 -4.94 0.92
N HIS B 223 -22.97 -5.45 2.14
CA HIS B 223 -22.68 -4.57 3.27
C HIS B 223 -21.35 -3.83 3.07
N ALA B 224 -20.32 -4.54 2.61
CA ALA B 224 -19.03 -3.90 2.41
C ALA B 224 -19.12 -2.79 1.37
N LEU B 225 -19.86 -3.04 0.28
CA LEU B 225 -20.06 -2.00 -0.73
C LEU B 225 -20.82 -0.81 -0.15
N ASN B 226 -21.80 -1.07 0.72
CA ASN B 226 -22.53 0.03 1.35
C ASN B 226 -21.61 0.85 2.27
N VAL B 227 -20.75 0.17 3.02
CA VAL B 227 -19.77 0.86 3.85
C VAL B 227 -18.85 1.71 2.99
N PHE B 228 -18.37 1.15 1.89
CA PHE B 228 -17.54 1.89 0.94
C PHE B 228 -18.23 3.16 0.47
N SER B 229 -19.50 3.06 0.12
CA SER B 229 -20.20 4.26 -0.35
C SER B 229 -20.23 5.34 0.72
N GLY B 230 -20.56 4.94 1.96
CA GLY B 230 -20.58 5.94 3.03
C GLY B 230 -19.22 6.57 3.28
N ARG B 231 -18.15 5.77 3.19
CA ARG B 231 -16.83 6.34 3.39
C ARG B 231 -16.46 7.30 2.28
N GLU B 232 -16.85 7.01 1.05
CA GLU B 232 -16.56 7.95 -0.03
C GLU B 232 -17.34 9.24 0.13
N ARG B 233 -18.55 9.16 0.67
CA ARG B 233 -19.29 10.38 0.94
C ARG B 233 -18.62 11.19 2.04
N ARG B 234 -18.11 10.53 3.07
CA ARG B 234 -17.58 11.26 4.21
C ARG B 234 -16.18 11.80 3.96
N PHE B 235 -15.33 11.02 3.29
CA PHE B 235 -13.91 11.33 3.13
C PHE B 235 -13.50 11.64 1.71
N GLY B 236 -14.46 11.67 0.80
CA GLY B 236 -14.25 12.04 -0.58
C GLY B 236 -13.77 10.90 -1.46
N LYS B 237 -13.89 11.14 -2.76
CA LYS B 237 -13.37 10.29 -3.81
C LYS B 237 -11.88 10.57 -4.00
N THR B 238 -11.17 9.60 -4.56
CA THR B 238 -9.78 9.88 -4.86
C THR B 238 -9.69 10.79 -6.09
N SER B 239 -8.50 11.29 -6.37
CA SER B 239 -8.34 12.13 -7.56
C SER B 239 -8.55 11.32 -8.83
N GLU B 240 -8.00 10.10 -8.86
CA GLU B 240 -8.16 9.25 -10.03
C GLU B 240 -9.62 8.85 -10.21
N GLN B 241 -10.34 8.63 -9.11
CA GLN B 241 -11.77 8.33 -9.23
C GLN B 241 -12.51 9.50 -9.88
N ILE B 242 -12.20 10.72 -9.48
CA ILE B 242 -12.88 11.89 -10.03
C ILE B 242 -12.60 11.99 -11.52
N GLN B 243 -11.35 11.75 -11.93
CA GLN B 243 -11.03 11.82 -13.36
C GLN B 243 -11.67 10.66 -14.13
N GLN B 244 -11.72 9.46 -13.54
CA GLN B 244 -12.40 8.34 -14.16
C GLN B 244 -13.87 8.66 -14.41
N GLU B 245 -14.51 9.29 -13.43
CA GLU B 245 -15.93 9.62 -13.58
C GLU B 245 -16.14 10.70 -14.63
N LYS B 246 -15.26 11.70 -14.68
CA LYS B 246 -15.31 12.67 -15.77
C LYS B 246 -15.23 11.98 -17.13
N ILE B 247 -14.28 11.06 -17.27
CA ILE B 247 -14.10 10.38 -18.56
C ILE B 247 -15.31 9.51 -18.88
N GLU B 248 -15.84 8.78 -17.91
CA GLU B 248 -16.97 7.90 -18.20
C GLU B 248 -18.21 8.71 -18.54
N LYS B 249 -18.41 9.86 -17.89
CA LYS B 249 -19.51 10.74 -18.28
C LYS B 249 -19.32 11.23 -19.72
N LEU B 250 -18.10 11.64 -20.07
CA LEU B 250 -17.83 12.11 -21.43
C LEU B 250 -18.09 11.02 -22.46
N LEU B 251 -17.78 9.77 -22.11
CA LEU B 251 -17.87 8.68 -23.09
C LEU B 251 -19.28 8.13 -23.23
N GLU B 252 -20.01 8.00 -22.12
CA GLU B 252 -21.34 7.41 -22.14
C GLU B 252 -22.26 8.11 -23.14
N HIS B 253 -22.08 9.42 -23.31
CA HIS B 253 -22.89 10.22 -24.23
C HIS B 253 -22.93 9.64 -25.63
C1 CIT C . 0.25 19.05 11.70
O1 CIT C . 0.12 19.84 12.67
O2 CIT C . 1.02 19.39 10.76
C2 CIT C . -0.48 17.74 11.68
C3 CIT C . -1.87 17.94 11.09
O7 CIT C . -2.65 18.83 11.96
C4 CIT C . -2.57 16.60 10.96
C5 CIT C . -4.00 16.76 10.54
O3 CIT C . -4.92 16.36 11.30
O4 CIT C . -4.30 17.28 9.44
C6 CIT C . -1.74 18.56 9.71
O5 CIT C . -1.94 19.78 9.53
O6 CIT C . -1.44 17.85 8.73
C1 CIT D . -7.82 16.34 5.27
O1 CIT D . -7.23 17.09 6.09
O2 CIT D . -8.24 15.23 5.66
C2 CIT D . -8.01 16.73 3.82
C3 CIT D . -8.03 18.23 3.54
O7 CIT D . -9.11 18.85 4.30
C4 CIT D . -8.21 18.43 2.03
C5 CIT D . -8.62 19.85 1.71
O3 CIT D . -8.02 20.83 2.22
O4 CIT D . -9.55 20.06 0.91
C6 CIT D . -6.71 18.88 3.95
O5 CIT D . -6.69 19.78 4.82
O6 CIT D . -5.64 18.50 3.43
C1 IPA E . 10.39 28.78 2.05
C2 IPA E . 11.85 29.23 2.16
C3 IPA E . 12.33 29.86 0.85
O2 IPA E . 12.69 28.16 2.53
C1 GOL F . 4.33 17.57 11.84
O1 GOL F . 4.75 16.53 11.01
O1 GOL F . 3.18 17.92 12.54
C2 GOL F . 4.92 18.88 11.25
O2 GOL F . 4.26 19.27 10.08
C3 GOL F . 6.45 18.56 11.01
O3 GOL F . 7.05 18.26 12.25
C1 IPA G . -18.12 -1.36 8.87
C2 IPA G . -17.51 -2.65 9.42
C3 IPA G . -16.02 -2.68 9.10
O2 IPA G . -18.16 -3.75 8.85
C1 GOL H . -0.22 -17.03 -3.95
O1 GOL H . -0.37 -16.08 -4.99
C2 GOL H . -1.22 -18.18 -4.24
O2 GOL H . -0.85 -18.92 -5.37
C3 GOL H . -2.59 -17.47 -4.44
O3 GOL H . -3.56 -18.47 -4.46
#